data_6WIW
#
_entry.id   6WIW
#
_cell.length_a   42.151
_cell.length_b   63.872
_cell.length_c   74.875
_cell.angle_alpha   78.240
_cell.angle_beta   89.668
_cell.angle_gamma   90.208
#
_symmetry.space_group_name_H-M   'P 1'
#
loop_
_entity.id
_entity.type
_entity.pdbx_description
1 polymer 'Proto-oncogene tyrosine-protein kinase Src'
2 non-polymer N-(3-{[4-amino-7-(2-methoxyethyl)-7H-pyrrolo[2,3-d]pyrimidin-5-yl]ethynyl}-4-methylphenyl)acetamide
3 water water
#
_entity_poly.entity_id   1
_entity_poly.type   'polypeptide(L)'
_entity_poly.pdbx_seq_one_letter_code
;GHMQTQGLAKDAWEIPRESLRLEVKLGQGCFGEVWMGTWNGTTRVAIKTLKPGTMSPEAFLQEAQVMKKLRHEKLVQLYA
VVSEEPIYIVTEYMSKGSLLDFLKGEMGKYLRLPQLVDMAAQIASGMAYVERMNYVHRDLRAANILVGENLVCKVADFGL
ARLIEDNEYTARQGAKFPIKWTAPEAALYGRFTIKSDVWSFGILLTELTTKGRVPYPGMVNREVLDQVERGYRMPCPPEC
PESLHDLMCQCWRKDPEERPTFEYLQAFLEDYFTSTEPQYQPGENL
;
_entity_poly.pdbx_strand_id   A,B
#
loop_
_chem_comp.id
_chem_comp.type
_chem_comp.name
_chem_comp.formula
I14 non-polymer N-(3-{[4-amino-7-(2-methoxyethyl)-7H-pyrrolo[2,3-d]pyrimidin-5-yl]ethynyl}-4-methylphenyl)acetamide 'C20 H21 N5 O2'
#
# COMPACT_ATOMS: atom_id res chain seq x y z
N ALA A 12 31.97 24.77 17.24
CA ALA A 12 32.49 25.03 15.90
C ALA A 12 31.49 24.65 14.82
N TRP A 13 30.59 23.75 15.19
CA TRP A 13 29.51 23.38 14.32
C TRP A 13 28.40 24.42 14.31
N GLU A 14 28.32 25.23 15.36
CA GLU A 14 27.30 26.25 15.47
C GLU A 14 27.25 27.11 14.22
N ILE A 15 26.03 27.49 13.85
CA ILE A 15 25.84 28.47 12.78
C ILE A 15 24.79 29.48 13.22
N PRO A 16 24.78 30.64 12.58
CA PRO A 16 23.78 31.67 12.93
C PRO A 16 22.42 31.37 12.31
N ARG A 17 21.38 31.84 13.02
CA ARG A 17 20.03 31.50 12.60
C ARG A 17 19.68 32.11 11.25
N GLU A 18 20.12 33.34 10.98
CA GLU A 18 19.73 33.98 9.72
C GLU A 18 20.36 33.27 8.53
N SER A 19 21.36 32.41 8.73
CA SER A 19 21.93 31.65 7.62
C SER A 19 21.01 30.55 7.09
N LEU A 20 20.00 30.12 7.84
CA LEU A 20 19.10 29.07 7.40
C LEU A 20 17.82 29.62 6.78
N ARG A 21 17.33 28.90 5.78
CA ARG A 21 16.07 29.24 5.11
C ARG A 21 15.28 27.95 4.90
N LEU A 22 14.20 27.80 5.65
CA LEU A 22 13.31 26.66 5.52
C LEU A 22 12.29 26.92 4.42
N GLU A 23 12.26 26.06 3.40
CA GLU A 23 11.45 26.30 2.21
C GLU A 23 10.30 25.31 2.08
N VAL A 24 10.57 24.01 2.11
CA VAL A 24 9.60 22.97 1.88
C VAL A 24 9.55 22.08 3.12
N LYS A 25 8.35 21.81 3.63
CA LYS A 25 8.17 20.88 4.73
C LYS A 25 8.06 19.45 4.19
N LEU A 26 9.00 18.61 4.58
CA LEU A 26 9.00 17.21 4.14
C LEU A 26 8.27 16.27 5.12
N GLY A 27 8.42 16.45 6.44
CA GLY A 27 7.79 15.56 7.39
C GLY A 27 7.41 16.24 8.69
N GLN A 28 6.65 15.51 9.51
CA GLN A 28 6.05 16.03 10.74
C GLN A 28 6.03 14.98 11.84
N GLY A 29 6.29 15.41 13.08
CA GLY A 29 6.29 14.51 14.22
C GLY A 29 6.09 15.22 15.54
N CYS A 30 5.94 14.42 16.61
CA CYS A 30 5.80 14.98 17.95
C CYS A 30 7.11 15.58 18.45
N PHE A 31 8.23 15.03 17.99
CA PHE A 31 9.53 15.58 18.32
C PHE A 31 9.94 16.75 17.42
N GLY A 32 9.40 16.84 16.21
CA GLY A 32 9.73 17.97 15.36
C GLY A 32 9.32 17.76 13.92
N GLU A 33 9.95 18.52 13.02
CA GLU A 33 9.62 18.48 11.59
C GLU A 33 10.91 18.39 10.77
N VAL A 34 10.77 18.15 9.46
CA VAL A 34 11.91 18.11 8.54
C VAL A 34 11.60 18.91 7.29
N TRP A 35 12.55 19.76 6.88
CA TRP A 35 12.37 20.69 5.79
C TRP A 35 13.53 20.60 4.81
N MET A 36 13.26 20.92 3.55
CA MET A 36 14.31 21.24 2.60
C MET A 36 14.54 22.76 2.63
N GLY A 37 15.80 23.16 2.52
CA GLY A 37 16.12 24.55 2.71
C GLY A 37 17.44 24.88 2.10
N THR A 38 17.91 26.08 2.43
CA THR A 38 19.18 26.58 1.95
C THR A 38 20.00 27.06 3.14
N TRP A 39 21.31 26.85 3.04
CA TRP A 39 22.27 27.28 4.03
C TRP A 39 23.19 28.32 3.38
N ASN A 40 23.21 29.53 3.93
CA ASN A 40 23.99 30.63 3.37
C ASN A 40 23.57 30.95 1.93
N GLY A 41 22.31 30.71 1.59
CA GLY A 41 21.78 31.05 0.27
C GLY A 41 22.35 30.24 -0.87
N THR A 42 23.21 29.25 -0.58
CA THR A 42 23.87 28.55 -1.65
C THR A 42 23.70 27.03 -1.58
N THR A 43 23.65 26.49 -0.37
CA THR A 43 23.72 25.04 -0.16
C THR A 43 22.35 24.46 0.14
N ARG A 44 21.84 23.60 -0.74
CA ARG A 44 20.61 22.87 -0.43
C ARG A 44 20.88 21.91 0.72
N VAL A 45 19.95 21.87 1.66
CA VAL A 45 20.14 21.12 2.90
C VAL A 45 18.82 20.56 3.41
N ALA A 46 18.93 19.56 4.28
CA ALA A 46 17.84 19.09 5.12
C ALA A 46 17.96 19.76 6.48
N ILE A 47 16.82 20.13 7.07
CA ILE A 47 16.76 20.83 8.34
C ILE A 47 15.72 20.15 9.21
N LYS A 48 16.15 19.58 10.33
CA LYS A 48 15.25 19.00 11.32
C LYS A 48 15.10 19.97 12.51
N THR A 49 13.88 20.10 13.01
CA THR A 49 13.54 21.02 14.08
C THR A 49 13.06 20.25 15.30
N LEU A 50 13.15 20.88 16.47
CA LEU A 50 12.64 20.35 17.72
C LEU A 50 11.45 21.20 18.14
N LYS A 51 10.39 20.54 18.58
CA LYS A 51 9.21 21.21 19.11
C LYS A 51 9.42 21.49 20.59
N PRO A 52 9.58 22.73 21.02
CA PRO A 52 9.83 22.99 22.45
C PRO A 52 8.77 22.36 23.33
N GLY A 53 9.22 21.77 24.43
CA GLY A 53 8.36 21.11 25.40
C GLY A 53 8.13 19.64 25.15
N THR A 54 8.02 19.24 23.87
CA THR A 54 7.76 17.84 23.57
C THR A 54 8.94 16.96 23.94
N MET A 55 10.14 17.53 23.99
CA MET A 55 11.30 16.71 24.30
C MET A 55 12.40 17.57 24.90
N SER A 56 13.21 16.95 25.74
CA SER A 56 14.35 17.64 26.28
C SER A 56 15.29 18.01 25.15
N PRO A 57 15.86 19.22 25.16
CA PRO A 57 16.91 19.52 24.18
C PRO A 57 18.04 18.52 24.25
N GLU A 58 18.33 18.05 25.47
CA GLU A 58 19.40 17.09 25.70
C GLU A 58 19.31 15.92 24.73
N ALA A 59 18.09 15.50 24.40
CA ALA A 59 17.92 14.38 23.49
C ALA A 59 18.29 14.77 22.06
N PHE A 60 17.84 15.93 21.60
CA PHE A 60 18.29 16.40 20.30
C PHE A 60 19.80 16.60 20.31
N LEU A 61 20.34 17.11 21.42
CA LEU A 61 21.78 17.37 21.49
C LEU A 61 22.58 16.07 21.46
N GLN A 62 22.04 14.99 22.03
CA GLN A 62 22.75 13.71 21.98
C GLN A 62 22.90 13.22 20.55
N GLU A 63 21.79 13.19 19.81
CA GLU A 63 21.84 12.78 18.41
C GLU A 63 22.91 13.55 17.65
N ALA A 64 22.85 14.88 17.72
CA ALA A 64 23.80 15.71 16.97
C ALA A 64 25.23 15.52 17.48
N GLN A 65 25.42 15.34 18.79
CA GLN A 65 26.78 15.02 19.26
C GLN A 65 27.29 13.73 18.62
N VAL A 66 26.41 12.74 18.47
CA VAL A 66 26.83 11.52 17.79
C VAL A 66 27.17 11.79 16.34
N MET A 67 26.36 12.61 15.66
CA MET A 67 26.60 12.90 14.25
C MET A 67 27.89 13.69 14.06
N LYS A 68 28.37 14.39 15.09
CA LYS A 68 29.66 15.06 14.98
C LYS A 68 30.82 14.07 15.02
N LYS A 69 30.61 12.88 15.61
CA LYS A 69 31.67 11.90 15.75
C LYS A 69 31.75 10.94 14.57
N LEU A 70 30.68 10.78 13.80
CA LEU A 70 30.65 9.82 12.70
C LEU A 70 30.73 10.56 11.37
N ARG A 71 31.55 10.03 10.47
CA ARG A 71 31.73 10.62 9.15
C ARG A 71 32.04 9.53 8.13
N HIS A 72 31.16 9.39 7.14
CA HIS A 72 31.27 8.37 6.10
C HIS A 72 30.37 8.77 4.94
N GLU A 73 30.82 8.43 3.72
CA GLU A 73 30.10 8.82 2.51
C GLU A 73 28.75 8.13 2.37
N LYS A 74 28.52 7.06 3.14
CA LYS A 74 27.24 6.35 3.15
C LYS A 74 26.49 6.57 4.45
N LEU A 75 26.92 7.54 5.26
CA LEU A 75 26.15 8.05 6.37
C LEU A 75 25.81 9.52 6.10
N VAL A 76 24.54 9.88 6.28
CA VAL A 76 24.07 11.25 6.09
C VAL A 76 24.90 12.21 6.91
N GLN A 77 25.44 13.23 6.25
CA GLN A 77 26.39 14.10 6.89
C GLN A 77 25.68 15.26 7.58
N LEU A 78 26.00 15.47 8.85
CA LEU A 78 25.65 16.69 9.54
C LEU A 78 26.51 17.83 9.03
N TYR A 79 25.86 18.93 8.64
CA TYR A 79 26.54 20.15 8.23
C TYR A 79 26.60 21.19 9.33
N ALA A 80 25.56 21.31 10.16
CA ALA A 80 25.55 22.40 11.13
C ALA A 80 24.42 22.22 12.13
N VAL A 81 24.47 23.04 13.20
CA VAL A 81 23.49 23.00 14.28
C VAL A 81 23.18 24.41 14.80
N VAL A 82 22.01 24.52 15.43
CA VAL A 82 21.63 25.66 16.25
C VAL A 82 21.26 25.06 17.60
N SER A 83 22.17 25.17 18.59
CA SER A 83 22.04 24.39 19.82
C SER A 83 21.03 24.98 20.80
N GLU A 84 20.91 26.30 20.89
CA GLU A 84 19.92 26.89 21.77
C GLU A 84 18.54 26.63 21.19
N GLU A 85 17.55 26.39 22.06
CA GLU A 85 16.18 26.26 21.56
C GLU A 85 15.68 27.61 21.04
N PRO A 86 14.86 27.61 19.97
CA PRO A 86 14.53 26.46 19.13
C PRO A 86 15.70 25.94 18.30
N ILE A 87 15.90 24.63 18.45
CA ILE A 87 17.02 23.93 17.87
C ILE A 87 16.76 23.62 16.39
N TYR A 88 17.84 23.57 15.63
CA TYR A 88 17.78 23.12 14.25
C TYR A 88 18.98 22.23 14.04
N ILE A 89 18.79 21.16 13.27
CA ILE A 89 19.89 20.27 12.86
C ILE A 89 19.92 20.25 11.34
N VAL A 90 21.07 20.62 10.78
CA VAL A 90 21.25 20.75 9.34
C VAL A 90 22.10 19.59 8.86
N THR A 91 21.70 18.94 7.78
CA THR A 91 22.49 17.87 7.21
C THR A 91 22.54 18.03 5.68
N GLU A 92 23.21 17.09 5.00
CA GLU A 92 23.18 17.09 3.54
C GLU A 92 21.76 16.72 3.07
N TYR A 93 21.51 17.04 1.81
CA TYR A 93 20.24 16.85 1.09
C TYR A 93 20.32 15.73 0.01
N MET A 94 19.79 14.58 0.34
CA MET A 94 19.36 13.33 -0.36
C MET A 94 18.01 13.52 -1.16
N SER A 95 18.06 13.94 -2.36
CA SER A 95 17.04 14.50 -3.25
C SER A 95 15.85 13.60 -3.42
N LYS A 96 16.03 12.29 -3.24
CA LYS A 96 15.01 11.31 -3.59
C LYS A 96 14.29 10.77 -2.38
N GLY A 97 14.60 11.27 -1.18
CA GLY A 97 13.82 10.89 0.00
C GLY A 97 14.13 9.47 0.49
N SER A 98 13.14 8.86 1.14
CA SER A 98 13.35 7.60 1.84
C SER A 98 13.40 6.46 0.85
N LEU A 99 14.30 5.50 1.11
CA LEU A 99 14.38 4.31 0.28
C LEU A 99 13.04 3.63 0.19
N LEU A 100 12.35 3.51 1.33
CA LEU A 100 11.02 2.91 1.31
C LEU A 100 10.10 3.54 0.27
N ASP A 101 9.94 4.89 0.31
CA ASP A 101 9.12 5.57 -0.67
C ASP A 101 9.63 5.34 -2.08
N PHE A 102 10.98 5.35 -2.23
CA PHE A 102 11.63 5.20 -3.53
C PHE A 102 11.24 3.87 -4.13
N LEU A 103 11.36 2.80 -3.34
CA LEU A 103 11.10 1.44 -3.83
C LEU A 103 9.64 1.25 -4.21
N LYS A 104 8.72 1.86 -3.44
CA LYS A 104 7.28 1.63 -3.66
C LYS A 104 6.74 2.51 -4.79
N GLY A 105 7.45 3.59 -5.13
CA GLY A 105 6.97 4.59 -6.05
C GLY A 105 7.32 4.34 -7.51
N GLU A 106 7.12 5.39 -8.31
CA GLU A 106 7.22 5.34 -9.77
C GLU A 106 8.59 4.84 -10.21
N MET A 107 9.65 5.27 -9.52
CA MET A 107 11.00 4.75 -9.79
C MET A 107 11.19 3.29 -9.41
N GLY A 108 10.40 2.77 -8.50
CA GLY A 108 10.66 1.41 -8.07
C GLY A 108 10.57 0.44 -9.22
N LYS A 109 9.65 0.70 -10.17
CA LYS A 109 9.32 -0.34 -11.14
C LYS A 109 10.45 -0.61 -12.13
N TYR A 110 11.44 0.26 -12.25
CA TYR A 110 12.53 -0.02 -13.16
C TYR A 110 13.77 -0.61 -12.49
N LEU A 111 13.82 -0.62 -11.16
CA LEU A 111 14.95 -1.21 -10.44
C LEU A 111 15.01 -2.70 -10.68
N ARG A 112 16.17 -3.18 -11.07
CA ARG A 112 16.41 -4.61 -11.22
C ARG A 112 17.49 -5.06 -10.27
N LEU A 113 17.78 -6.37 -10.30
CA LEU A 113 18.64 -6.93 -9.27
C LEU A 113 19.99 -6.24 -9.21
N PRO A 114 20.63 -5.88 -10.33
CA PRO A 114 21.92 -5.20 -10.22
C PRO A 114 21.86 -3.85 -9.51
N GLN A 115 20.83 -3.04 -9.77
CA GLN A 115 20.72 -1.78 -9.05
C GLN A 115 20.48 -2.03 -7.58
N LEU A 116 19.63 -3.01 -7.28
CA LEU A 116 19.20 -3.21 -5.92
C LEU A 116 20.29 -3.83 -5.07
N VAL A 117 21.13 -4.69 -5.64
CA VAL A 117 22.29 -5.22 -4.93
C VAL A 117 23.36 -4.13 -4.76
N ASP A 118 23.51 -3.23 -5.70
CA ASP A 118 24.42 -2.10 -5.46
C ASP A 118 23.95 -1.22 -4.30
N MET A 119 22.66 -0.96 -4.24
CA MET A 119 22.10 -0.26 -3.08
C MET A 119 22.39 -1.01 -1.78
N ALA A 120 22.27 -2.33 -1.78
CA ALA A 120 22.60 -3.07 -0.57
C ALA A 120 24.08 -2.97 -0.25
N ALA A 121 24.95 -2.90 -1.26
CA ALA A 121 26.38 -2.79 -0.95
C ALA A 121 26.72 -1.46 -0.29
N GLN A 122 26.10 -0.36 -0.77
CA GLN A 122 26.33 0.94 -0.17
C GLN A 122 25.87 0.95 1.27
N ILE A 123 24.69 0.43 1.53
CA ILE A 123 24.18 0.39 2.90
C ILE A 123 25.08 -0.46 3.78
N ALA A 124 25.59 -1.57 3.24
CA ALA A 124 26.46 -2.42 4.02
C ALA A 124 27.79 -1.76 4.27
N SER A 125 28.26 -0.96 3.31
CA SER A 125 29.49 -0.21 3.52
C SER A 125 29.32 0.81 4.63
N GLY A 126 28.21 1.56 4.62
CA GLY A 126 27.95 2.45 5.74
C GLY A 126 27.80 1.72 7.07
N MET A 127 27.08 0.61 7.06
CA MET A 127 26.98 -0.19 8.29
C MET A 127 28.31 -0.83 8.65
N ALA A 128 29.14 -1.19 7.65
CA ALA A 128 30.49 -1.65 7.98
C ALA A 128 31.24 -0.60 8.76
N TYR A 129 31.04 0.68 8.41
CA TYR A 129 31.75 1.73 9.12
C TYR A 129 31.26 1.82 10.56
N VAL A 130 29.94 1.84 10.75
CA VAL A 130 29.35 1.78 12.09
C VAL A 130 29.93 0.59 12.87
N GLU A 131 30.11 -0.55 12.19
CA GLU A 131 30.67 -1.73 12.83
C GLU A 131 32.11 -1.48 13.26
N ARG A 132 32.93 -0.88 12.39
CA ARG A 132 34.30 -0.55 12.76
C ARG A 132 34.33 0.35 13.99
N MET A 133 33.41 1.31 14.06
CA MET A 133 33.38 2.31 15.12
C MET A 133 32.73 1.79 16.39
N ASN A 134 32.34 0.52 16.42
CA ASN A 134 31.69 -0.05 17.60
C ASN A 134 30.44 0.77 17.97
N TYR A 135 29.65 1.10 16.97
CA TYR A 135 28.33 1.64 17.23
C TYR A 135 27.24 0.64 16.85
N VAL A 136 26.03 0.96 17.30
CA VAL A 136 24.84 0.17 17.04
C VAL A 136 23.77 1.09 16.49
N HIS A 137 23.05 0.64 15.48
CA HIS A 137 22.02 1.48 14.89
C HIS A 137 20.69 1.32 15.61
N ARG A 138 20.21 0.08 15.72
CA ARG A 138 18.99 -0.41 16.38
C ARG A 138 17.74 -0.27 15.49
N ASP A 139 17.79 0.47 14.35
CA ASP A 139 16.57 0.65 13.57
C ASP A 139 16.89 0.66 12.08
N LEU A 140 17.77 -0.23 11.65
CA LEU A 140 18.08 -0.33 10.23
C LEU A 140 16.91 -0.95 9.49
N ARG A 141 16.40 -0.20 8.49
CA ARG A 141 15.31 -0.62 7.60
C ARG A 141 15.15 0.44 6.50
N ALA A 142 14.36 0.07 5.47
CA ALA A 142 14.26 0.91 4.29
C ALA A 142 13.79 2.31 4.61
N ALA A 143 12.96 2.47 5.66
CA ALA A 143 12.38 3.77 5.95
C ALA A 143 13.41 4.74 6.51
N ASN A 144 14.56 4.24 6.97
CA ASN A 144 15.64 5.02 7.52
C ASN A 144 16.87 5.02 6.59
N ILE A 145 16.70 4.63 5.34
CA ILE A 145 17.73 4.78 4.32
C ILE A 145 17.28 5.89 3.38
N LEU A 146 18.20 6.80 3.07
CA LEU A 146 17.95 7.97 2.23
C LEU A 146 18.66 7.78 0.91
N VAL A 147 17.99 8.18 -0.17
CA VAL A 147 18.44 7.97 -1.54
C VAL A 147 18.68 9.33 -2.17
N GLY A 148 19.79 9.44 -2.89
CA GLY A 148 20.15 10.67 -3.55
C GLY A 148 20.18 10.47 -5.04
N GLU A 149 20.87 11.35 -5.76
CA GLU A 149 21.02 11.21 -7.20
C GLU A 149 21.86 9.97 -7.49
N ASN A 150 21.67 9.40 -8.65
CA ASN A 150 22.55 8.34 -9.11
C ASN A 150 22.56 7.16 -8.15
N LEU A 151 21.40 6.92 -7.51
CA LEU A 151 21.12 5.76 -6.69
C LEU A 151 22.01 5.68 -5.44
N VAL A 152 22.55 6.81 -4.98
CA VAL A 152 23.27 6.88 -3.72
C VAL A 152 22.32 6.62 -2.56
N CYS A 153 22.75 5.75 -1.65
CA CYS A 153 21.97 5.40 -0.48
C CYS A 153 22.84 5.63 0.73
N LYS A 154 22.27 6.27 1.74
CA LYS A 154 23.01 6.62 2.94
C LYS A 154 22.16 6.27 4.15
N VAL A 155 22.84 5.78 5.20
CA VAL A 155 22.18 5.43 6.44
C VAL A 155 21.77 6.67 7.23
N ALA A 156 20.57 6.62 7.82
CA ALA A 156 20.06 7.76 8.57
C ALA A 156 19.35 7.29 9.85
N ASP A 157 19.07 8.27 10.72
CA ASP A 157 18.36 8.04 11.99
C ASP A 157 19.10 7.00 12.82
N PRO A 178 8.60 -2.29 15.75
CA PRO A 178 9.38 -2.59 14.56
C PRO A 178 9.94 -4.03 14.69
N ILE A 179 9.13 -4.90 15.34
CA ILE A 179 9.50 -6.28 15.58
C ILE A 179 9.75 -7.06 14.32
N LYS A 180 9.24 -6.62 13.16
CA LYS A 180 9.49 -7.34 11.93
C LYS A 180 10.91 -7.15 11.46
N TRP A 181 11.59 -6.07 11.86
CA TRP A 181 12.98 -5.83 11.51
C TRP A 181 13.94 -6.15 12.66
N THR A 182 13.43 -6.56 13.82
CA THR A 182 14.23 -6.61 15.03
C THR A 182 14.55 -8.06 15.35
N ALA A 183 15.84 -8.31 15.55
CA ALA A 183 16.32 -9.63 15.90
C ALA A 183 15.69 -10.10 17.23
N PRO A 184 15.36 -11.35 17.33
CA PRO A 184 14.66 -11.82 18.55
C PRO A 184 15.39 -11.49 19.86
N GLU A 185 16.71 -11.65 19.92
CA GLU A 185 17.41 -11.41 21.16
C GLU A 185 17.30 -9.95 21.58
N ALA A 186 17.09 -9.06 20.61
CA ALA A 186 16.89 -7.65 20.93
C ALA A 186 15.45 -7.38 21.37
N ALA A 187 14.50 -7.86 20.56
CA ALA A 187 13.08 -7.61 20.87
C ALA A 187 12.71 -8.21 22.22
N LEU A 188 13.18 -9.42 22.52
CA LEU A 188 12.76 -10.10 23.74
C LEU A 188 13.57 -9.65 24.95
N TYR A 189 14.89 -9.62 24.82
CA TYR A 189 15.79 -9.45 25.96
C TYR A 189 16.52 -8.12 25.95
N GLY A 190 16.25 -7.26 24.97
CA GLY A 190 16.92 -5.98 24.92
C GLY A 190 18.39 -6.05 24.56
N ARG A 191 18.87 -7.18 24.04
CA ARG A 191 20.27 -7.34 23.65
C ARG A 191 20.48 -6.83 22.21
N PHE A 192 20.66 -5.53 22.11
CA PHE A 192 20.94 -4.85 20.85
C PHE A 192 22.45 -4.80 20.61
N THR A 193 22.87 -5.26 19.41
CA THR A 193 24.29 -5.30 19.05
C THR A 193 24.43 -5.11 17.54
N ILE A 194 25.68 -5.06 17.05
CA ILE A 194 25.86 -4.97 15.60
C ILE A 194 25.28 -6.20 14.93
N LYS A 195 25.23 -7.33 15.66
CA LYS A 195 24.65 -8.55 15.11
C LYS A 195 23.14 -8.45 15.03
N SER A 196 22.48 -7.78 16.00
CA SER A 196 21.05 -7.53 15.77
C SER A 196 20.87 -6.58 14.58
N ASP A 197 21.79 -5.63 14.34
CA ASP A 197 21.65 -4.78 13.13
C ASP A 197 21.79 -5.63 11.86
N VAL A 198 22.65 -6.67 11.92
CA VAL A 198 22.83 -7.57 10.79
C VAL A 198 21.54 -8.30 10.52
N TRP A 199 20.83 -8.71 11.56
CA TRP A 199 19.51 -9.31 11.31
C TRP A 199 18.61 -8.34 10.52
N SER A 200 18.56 -7.07 10.95
CA SER A 200 17.69 -6.11 10.28
C SER A 200 18.14 -5.94 8.84
N PHE A 201 19.45 -5.93 8.61
CA PHE A 201 19.93 -5.81 7.25
C PHE A 201 19.33 -6.92 6.40
N GLY A 202 19.33 -8.15 6.91
CA GLY A 202 18.68 -9.25 6.19
C GLY A 202 17.24 -8.96 5.81
N ILE A 203 16.46 -8.50 6.80
CA ILE A 203 15.11 -8.04 6.50
C ILE A 203 15.14 -6.93 5.43
N LEU A 204 16.09 -5.99 5.55
CA LEU A 204 16.19 -4.90 4.56
C LEU A 204 16.44 -5.48 3.18
N LEU A 205 17.17 -6.59 3.09
CA LEU A 205 17.33 -7.20 1.78
C LEU A 205 16.00 -7.65 1.18
N THR A 206 15.03 -8.08 2.03
CA THR A 206 13.76 -8.50 1.45
C THR A 206 12.98 -7.27 0.96
N GLU A 207 13.03 -6.16 1.70
CA GLU A 207 12.37 -4.95 1.23
C GLU A 207 12.92 -4.57 -0.15
N LEU A 208 14.25 -4.70 -0.35
CA LEU A 208 14.84 -4.31 -1.62
C LEU A 208 14.33 -5.16 -2.76
N THR A 209 14.10 -6.44 -2.51
CA THR A 209 13.78 -7.38 -3.57
C THR A 209 12.29 -7.57 -3.74
N THR A 210 11.46 -6.97 -2.88
CA THR A 210 10.00 -6.99 -3.08
C THR A 210 9.46 -5.59 -3.43
N LYS A 211 10.33 -4.62 -3.65
CA LYS A 211 9.94 -3.24 -3.89
C LYS A 211 9.28 -2.61 -2.67
N GLY A 212 9.84 -2.87 -1.49
CA GLY A 212 9.39 -2.23 -0.28
C GLY A 212 8.14 -2.79 0.33
N ARG A 213 7.75 -4.01 -0.04
CA ARG A 213 6.65 -4.65 0.67
C ARG A 213 6.99 -4.90 2.12
N VAL A 214 5.98 -4.71 2.99
CA VAL A 214 6.09 -5.02 4.42
C VAL A 214 6.54 -6.47 4.54
N PRO A 215 7.53 -6.78 5.36
CA PRO A 215 7.92 -8.18 5.54
C PRO A 215 6.87 -9.00 6.30
N TYR A 216 6.97 -10.34 6.14
CA TYR A 216 6.09 -11.32 6.80
C TYR A 216 4.67 -11.00 6.48
N PRO A 217 4.32 -10.94 5.20
CA PRO A 217 3.02 -10.36 4.79
C PRO A 217 1.84 -11.13 5.37
N GLY A 218 0.86 -10.39 5.85
CA GLY A 218 -0.30 -11.01 6.43
C GLY A 218 -0.07 -11.62 7.80
N MET A 219 1.08 -11.38 8.41
CA MET A 219 1.36 -11.80 9.77
C MET A 219 1.43 -10.57 10.65
N VAL A 220 0.71 -10.58 11.77
CA VAL A 220 0.86 -9.53 12.76
C VAL A 220 2.12 -9.72 13.59
N ASN A 221 2.50 -8.69 14.36
CA ASN A 221 3.71 -8.72 15.15
C ASN A 221 3.81 -9.96 16.01
N ARG A 222 2.76 -10.23 16.81
CA ARG A 222 2.83 -11.32 17.76
C ARG A 222 2.99 -12.65 17.03
N GLU A 223 2.36 -12.78 15.87
CA GLU A 223 2.53 -13.99 15.08
C GLU A 223 3.97 -14.09 14.61
N VAL A 224 4.55 -12.93 14.23
CA VAL A 224 5.94 -12.87 13.78
C VAL A 224 6.88 -13.38 14.85
N LEU A 225 6.70 -12.87 16.05
CA LEU A 225 7.57 -13.22 17.16
C LEU A 225 7.56 -14.72 17.38
N ASP A 226 6.38 -15.30 17.60
CA ASP A 226 6.27 -16.75 17.84
C ASP A 226 6.89 -17.56 16.70
N GLN A 227 6.67 -17.14 15.46
CA GLN A 227 7.13 -17.91 14.31
C GLN A 227 8.65 -17.89 14.19
N VAL A 228 9.26 -16.71 14.33
CA VAL A 228 10.70 -16.71 14.12
C VAL A 228 11.40 -17.45 15.26
N GLU A 229 10.81 -17.43 16.46
CA GLU A 229 11.38 -18.21 17.56
C GLU A 229 11.36 -19.69 17.23
N ARG A 230 10.30 -20.14 16.57
CA ARG A 230 10.20 -21.53 16.18
C ARG A 230 11.00 -21.87 14.91
N GLY A 231 11.77 -20.94 14.33
CA GLY A 231 12.59 -21.22 13.17
C GLY A 231 12.04 -20.73 11.82
N TYR A 232 10.83 -20.19 11.79
CA TYR A 232 10.31 -19.67 10.54
C TYR A 232 11.21 -18.55 10.03
N ARG A 233 11.44 -18.55 8.71
CA ARG A 233 12.19 -17.53 8.01
C ARG A 233 11.49 -17.28 6.69
N MET A 234 11.43 -16.02 6.29
CA MET A 234 10.83 -15.66 5.00
C MET A 234 11.42 -16.49 3.88
N PRO A 235 10.64 -16.85 2.89
CA PRO A 235 11.14 -17.66 1.77
C PRO A 235 11.80 -16.79 0.70
N CYS A 236 12.35 -17.45 -0.30
CA CYS A 236 13.00 -16.76 -1.40
C CYS A 236 11.97 -15.89 -2.11
N PRO A 237 12.15 -14.58 -2.17
CA PRO A 237 11.23 -13.75 -2.99
C PRO A 237 11.23 -14.18 -4.44
N PRO A 238 10.08 -14.09 -5.11
CA PRO A 238 10.05 -14.46 -6.54
C PRO A 238 11.08 -13.68 -7.34
N GLU A 239 11.78 -14.40 -8.22
CA GLU A 239 12.82 -13.89 -9.11
C GLU A 239 14.13 -13.56 -8.39
N CYS A 240 14.20 -13.68 -7.07
CA CYS A 240 15.45 -13.46 -6.33
C CYS A 240 16.31 -14.71 -6.40
N PRO A 241 17.58 -14.61 -6.80
CA PRO A 241 18.41 -15.83 -6.83
C PRO A 241 18.49 -16.42 -5.42
N GLU A 242 18.58 -17.76 -5.36
CA GLU A 242 18.66 -18.46 -4.07
C GLU A 242 19.92 -18.05 -3.30
N SER A 243 21.02 -17.78 -4.01
CA SER A 243 22.24 -17.30 -3.35
C SER A 243 21.99 -16.04 -2.51
N LEU A 244 21.12 -15.14 -3.01
CA LEU A 244 20.88 -13.91 -2.23
C LEU A 244 19.96 -14.20 -1.06
N HIS A 245 18.99 -15.11 -1.23
CA HIS A 245 18.17 -15.52 -0.08
C HIS A 245 19.00 -16.31 0.93
N ASP A 246 20.05 -17.01 0.46
CA ASP A 246 20.96 -17.66 1.39
C ASP A 246 21.61 -16.64 2.29
N LEU A 247 22.07 -15.51 1.71
CA LEU A 247 22.66 -14.44 2.52
C LEU A 247 21.69 -13.93 3.56
N MET A 248 20.44 -13.62 3.16
CA MET A 248 19.41 -13.25 4.14
C MET A 248 19.40 -14.23 5.31
N CYS A 249 19.36 -15.55 5.00
CA CYS A 249 19.24 -16.55 6.07
C CYS A 249 20.45 -16.57 6.98
N GLN A 250 21.66 -16.36 6.42
CA GLN A 250 22.83 -16.15 7.27
C GLN A 250 22.61 -14.99 8.22
N CYS A 251 21.97 -13.88 7.72
CA CYS A 251 21.74 -12.75 8.59
C CYS A 251 20.74 -13.09 9.68
N TRP A 252 19.91 -14.10 9.44
CA TRP A 252 18.81 -14.50 10.31
C TRP A 252 19.16 -15.74 11.16
N ARG A 253 20.43 -16.08 11.31
CA ARG A 253 20.80 -17.22 12.15
C ARG A 253 20.40 -16.94 13.60
N LYS A 254 19.74 -17.90 14.22
CA LYS A 254 19.25 -17.73 15.59
C LYS A 254 20.37 -17.22 16.51
N ASP A 255 21.56 -17.75 16.35
CA ASP A 255 22.69 -17.37 17.19
C ASP A 255 23.36 -16.10 16.69
N PRO A 256 23.23 -14.98 17.42
CA PRO A 256 23.69 -13.70 16.85
C PRO A 256 25.16 -13.76 16.39
N GLU A 257 26.00 -14.58 17.04
CA GLU A 257 27.42 -14.70 16.69
C GLU A 257 27.66 -15.54 15.43
N GLU A 258 26.65 -16.29 14.95
CA GLU A 258 26.72 -16.96 13.66
C GLU A 258 26.44 -15.97 12.51
N ARG A 259 25.85 -14.85 12.78
CA ARG A 259 25.53 -13.90 11.71
C ARG A 259 26.82 -13.29 11.15
N PRO A 260 26.91 -13.11 9.84
CA PRO A 260 28.14 -12.54 9.24
C PRO A 260 28.34 -11.07 9.62
N THR A 261 29.53 -10.59 9.34
CA THR A 261 29.75 -9.17 9.56
C THR A 261 29.32 -8.31 8.35
N PHE A 262 29.16 -7.02 8.62
CA PHE A 262 28.94 -6.03 7.58
C PHE A 262 30.13 -5.94 6.62
N GLU A 263 31.36 -6.06 7.14
CA GLU A 263 32.53 -6.15 6.27
C GLU A 263 32.39 -7.27 5.22
N TYR A 264 31.97 -8.46 5.69
CA TYR A 264 31.70 -9.58 4.79
C TYR A 264 30.50 -9.30 3.86
N LEU A 265 29.40 -8.82 4.41
CA LEU A 265 28.24 -8.54 3.54
C LEU A 265 28.59 -7.52 2.46
N GLN A 266 29.33 -6.48 2.82
CA GLN A 266 29.70 -5.46 1.85
C GLN A 266 30.46 -6.08 0.66
N ALA A 267 31.51 -6.84 0.97
CA ALA A 267 32.31 -7.54 -0.02
C ALA A 267 31.47 -8.49 -0.84
N PHE A 268 30.57 -9.25 -0.20
CA PHE A 268 29.76 -10.23 -0.93
C PHE A 268 28.90 -9.52 -1.96
N LEU A 269 28.28 -8.43 -1.56
CA LEU A 269 27.37 -7.74 -2.49
C LEU A 269 28.14 -6.94 -3.53
N GLU A 270 29.30 -6.40 -3.15
CA GLU A 270 30.11 -5.70 -4.14
C GLU A 270 30.51 -6.64 -5.28
N ASP A 271 30.93 -7.86 -4.95
CA ASP A 271 31.42 -8.80 -5.93
C ASP A 271 30.30 -9.63 -6.57
N TYR A 272 29.06 -9.39 -6.18
CA TYR A 272 28.01 -10.38 -6.37
C TYR A 272 27.92 -10.90 -7.79
N PHE A 273 27.91 -10.00 -8.75
CA PHE A 273 27.64 -10.47 -10.11
C PHE A 273 28.83 -11.09 -10.80
N THR A 274 29.98 -11.20 -10.15
CA THR A 274 31.09 -11.99 -10.73
C THR A 274 31.34 -13.29 -9.96
N SER A 275 31.39 -13.20 -8.65
CA SER A 275 31.77 -14.34 -7.82
C SER A 275 30.58 -15.28 -7.52
N THR A 276 29.35 -14.77 -7.56
CA THR A 276 28.23 -15.52 -7.02
C THR A 276 27.17 -15.84 -8.06
N GLU A 277 26.71 -14.86 -8.84
CA GLU A 277 25.69 -15.10 -9.85
C GLU A 277 26.23 -14.62 -11.19
N PRO A 278 27.37 -15.14 -11.64
CA PRO A 278 27.94 -14.68 -12.91
C PRO A 278 27.08 -14.95 -14.13
N GLN A 279 26.09 -15.84 -14.04
CA GLN A 279 25.17 -16.15 -15.12
C GLN A 279 23.85 -15.43 -14.97
N TYR A 280 23.83 -14.34 -14.22
CA TYR A 280 22.61 -13.58 -13.98
C TYR A 280 22.01 -13.14 -15.31
N GLN A 281 20.68 -13.26 -15.40
CA GLN A 281 19.91 -12.78 -16.56
C GLN A 281 18.71 -11.96 -16.07
N PRO A 282 18.50 -10.75 -16.61
CA PRO A 282 17.34 -9.94 -16.19
C PRO A 282 16.02 -10.61 -16.45
N GLY A 283 15.05 -10.30 -15.58
CA GLY A 283 13.69 -10.77 -15.71
C GLY A 283 12.62 -9.70 -15.70
N GLU A 284 11.40 -10.09 -15.35
CA GLU A 284 10.30 -9.12 -15.41
C GLU A 284 10.42 -8.07 -14.31
N ASN A 285 10.79 -8.47 -13.10
CA ASN A 285 10.83 -7.54 -11.97
C ASN A 285 12.19 -7.42 -11.32
N LEU A 286 13.00 -8.47 -11.32
CA LEU A 286 14.33 -8.37 -10.74
C LEU A 286 15.41 -8.75 -11.78
N ALA B 12 -22.69 -26.61 -19.13
CA ALA B 12 -22.62 -27.14 -17.77
C ALA B 12 -23.04 -26.14 -16.68
N TRP B 13 -23.11 -24.84 -16.96
CA TRP B 13 -23.61 -23.95 -15.93
C TRP B 13 -25.13 -24.08 -15.76
N GLU B 14 -25.84 -24.56 -16.79
CA GLU B 14 -27.30 -24.70 -16.71
C GLU B 14 -27.74 -25.58 -15.55
N ILE B 15 -28.85 -25.22 -14.94
CA ILE B 15 -29.52 -26.07 -13.94
C ILE B 15 -31.01 -26.02 -14.15
N PRO B 16 -31.72 -27.03 -13.63
CA PRO B 16 -33.19 -27.02 -13.67
C PRO B 16 -33.76 -26.18 -12.53
N ARG B 17 -34.98 -25.69 -12.77
CA ARG B 17 -35.59 -24.78 -11.80
C ARG B 17 -35.86 -25.49 -10.48
N GLU B 18 -36.22 -26.78 -10.53
CA GLU B 18 -36.67 -27.46 -9.33
C GLU B 18 -35.57 -27.55 -8.28
N SER B 19 -34.31 -27.44 -8.71
CA SER B 19 -33.21 -27.41 -7.75
C SER B 19 -33.17 -26.09 -7.00
N LEU B 20 -33.85 -25.07 -7.51
CA LEU B 20 -33.88 -23.76 -6.88
C LEU B 20 -35.10 -23.61 -5.97
N ARG B 21 -34.92 -22.85 -4.90
CA ARG B 21 -36.01 -22.52 -3.98
C ARG B 21 -35.87 -21.05 -3.58
N LEU B 22 -36.71 -20.20 -4.18
CA LEU B 22 -36.68 -18.77 -3.87
C LEU B 22 -37.47 -18.52 -2.59
N GLU B 23 -36.86 -17.85 -1.62
CA GLU B 23 -37.49 -17.66 -0.31
C GLU B 23 -37.75 -16.20 0.03
N VAL B 24 -36.73 -15.34 0.03
CA VAL B 24 -36.89 -13.96 0.51
C VAL B 24 -36.61 -12.97 -0.61
N LYS B 25 -37.48 -11.96 -0.75
CA LYS B 25 -37.24 -10.86 -1.68
C LYS B 25 -36.26 -9.90 -1.01
N LEU B 26 -35.08 -9.75 -1.56
CA LEU B 26 -34.12 -8.81 -0.98
C LEU B 26 -34.21 -7.44 -1.65
N GLY B 27 -34.34 -7.38 -2.97
CA GLY B 27 -34.40 -6.11 -3.67
C GLY B 27 -35.28 -6.22 -4.89
N GLN B 28 -35.58 -5.07 -5.49
CA GLN B 28 -36.51 -4.99 -6.62
C GLN B 28 -36.03 -3.88 -7.55
N GLY B 29 -36.15 -4.10 -8.86
CA GLY B 29 -35.68 -3.15 -9.86
C GLY B 29 -36.43 -3.28 -11.16
N CYS B 30 -36.15 -2.34 -12.06
CA CYS B 30 -36.82 -2.32 -13.36
C CYS B 30 -36.35 -3.43 -14.29
N PHE B 31 -35.08 -3.83 -14.17
CA PHE B 31 -34.58 -4.94 -14.98
C PHE B 31 -34.95 -6.30 -14.37
N GLY B 32 -35.14 -6.36 -13.05
CA GLY B 32 -35.48 -7.60 -12.38
C GLY B 32 -35.31 -7.45 -10.88
N GLU B 33 -35.19 -8.59 -10.20
CA GLU B 33 -35.11 -8.59 -8.74
C GLU B 33 -33.93 -9.43 -8.23
N VAL B 34 -33.75 -9.41 -6.90
CA VAL B 34 -32.75 -10.21 -6.20
C VAL B 34 -33.41 -10.91 -5.03
N TRP B 35 -33.21 -12.23 -4.93
CA TRP B 35 -33.83 -13.08 -3.94
C TRP B 35 -32.80 -13.95 -3.26
N MET B 36 -33.06 -14.30 -2.00
CA MET B 36 -32.27 -15.30 -1.30
C MET B 36 -32.97 -16.65 -1.34
N GLY B 37 -32.19 -17.72 -1.50
CA GLY B 37 -32.80 -19.01 -1.71
C GLY B 37 -31.91 -20.18 -1.39
N THR B 38 -32.35 -21.37 -1.83
CA THR B 38 -31.63 -22.61 -1.63
C THR B 38 -31.41 -23.26 -2.98
N TRP B 39 -30.24 -23.87 -3.14
CA TRP B 39 -29.83 -24.59 -4.34
C TRP B 39 -29.73 -26.06 -3.97
N ASN B 40 -30.45 -26.91 -4.72
CA ASN B 40 -30.56 -28.33 -4.37
C ASN B 40 -31.20 -28.31 -2.99
N GLY B 41 -30.60 -28.86 -1.95
CA GLY B 41 -31.23 -28.78 -0.65
C GLY B 41 -30.33 -28.34 0.48
N THR B 42 -29.10 -27.99 0.15
CA THR B 42 -28.09 -27.65 1.15
C THR B 42 -27.42 -26.31 0.95
N THR B 43 -27.37 -25.77 -0.27
CA THR B 43 -26.54 -24.60 -0.56
C THR B 43 -27.39 -23.33 -0.52
N ARG B 44 -27.09 -22.45 0.42
CA ARG B 44 -27.71 -21.13 0.46
C ARG B 44 -27.22 -20.32 -0.75
N VAL B 45 -28.12 -19.64 -1.45
CA VAL B 45 -27.71 -18.92 -2.64
C VAL B 45 -28.46 -17.60 -2.76
N ALA B 46 -27.88 -16.69 -3.54
CA ALA B 46 -28.53 -15.51 -4.07
C ALA B 46 -28.98 -15.80 -5.49
N ILE B 47 -30.16 -15.31 -5.84
CA ILE B 47 -30.79 -15.60 -7.13
C ILE B 47 -31.27 -14.28 -7.70
N LYS B 48 -30.74 -13.90 -8.85
CA LYS B 48 -31.14 -12.68 -9.55
C LYS B 48 -32.21 -13.01 -10.56
N THR B 49 -33.24 -12.16 -10.62
CA THR B 49 -34.41 -12.41 -11.45
C THR B 49 -34.54 -11.33 -12.52
N LEU B 50 -35.19 -11.70 -13.63
CA LEU B 50 -35.58 -10.79 -14.70
C LEU B 50 -37.11 -10.78 -14.83
N LYS B 51 -37.66 -9.58 -14.99
CA LYS B 51 -39.09 -9.42 -15.30
C LYS B 51 -39.22 -9.52 -16.82
N PRO B 52 -39.83 -10.57 -17.36
CA PRO B 52 -39.87 -10.72 -18.83
C PRO B 52 -40.35 -9.45 -19.51
N GLY B 53 -39.68 -9.10 -20.61
CA GLY B 53 -40.01 -7.93 -21.39
C GLY B 53 -39.28 -6.67 -20.98
N THR B 54 -39.01 -6.51 -19.68
CA THR B 54 -38.37 -5.29 -19.20
C THR B 54 -36.96 -5.14 -19.77
N MET B 55 -36.32 -6.25 -20.13
CA MET B 55 -34.99 -6.23 -20.73
C MET B 55 -34.80 -7.50 -21.55
N SER B 56 -33.98 -7.39 -22.59
CA SER B 56 -33.72 -8.54 -23.46
C SER B 56 -33.07 -9.66 -22.64
N PRO B 57 -33.48 -10.92 -22.86
CA PRO B 57 -32.77 -12.02 -22.19
C PRO B 57 -31.29 -12.06 -22.52
N GLU B 58 -30.89 -11.86 -23.78
CA GLU B 58 -29.47 -11.82 -24.10
C GLU B 58 -28.71 -10.83 -23.24
N ALA B 59 -29.31 -9.67 -22.97
CA ALA B 59 -28.62 -8.66 -22.17
C ALA B 59 -28.54 -9.07 -20.70
N PHE B 60 -29.63 -9.61 -20.15
CA PHE B 60 -29.62 -10.14 -18.78
C PHE B 60 -28.62 -11.27 -18.65
N LEU B 61 -28.49 -12.11 -19.68
CA LEU B 61 -27.52 -13.21 -19.67
C LEU B 61 -26.08 -12.74 -19.81
N GLN B 62 -25.85 -11.55 -20.38
CA GLN B 62 -24.48 -11.07 -20.58
C GLN B 62 -23.69 -11.09 -19.28
N GLU B 63 -24.29 -10.59 -18.20
CA GLU B 63 -23.62 -10.63 -16.90
C GLU B 63 -23.12 -12.03 -16.60
N ALA B 64 -23.98 -13.03 -16.73
CA ALA B 64 -23.60 -14.40 -16.43
C ALA B 64 -22.51 -14.90 -17.37
N GLN B 65 -22.55 -14.48 -18.64
CA GLN B 65 -21.51 -14.85 -19.58
C GLN B 65 -20.14 -14.40 -19.09
N VAL B 66 -20.07 -13.18 -18.55
CA VAL B 66 -18.81 -12.65 -18.03
C VAL B 66 -18.41 -13.38 -16.75
N MET B 67 -19.37 -13.63 -15.87
CA MET B 67 -19.08 -14.27 -14.59
C MET B 67 -18.56 -15.69 -14.75
N LYS B 68 -18.82 -16.35 -15.89
CA LYS B 68 -18.33 -17.70 -16.10
C LYS B 68 -16.82 -17.72 -16.30
N LYS B 69 -16.25 -16.65 -16.81
CA LYS B 69 -14.83 -16.62 -17.12
C LYS B 69 -13.99 -16.07 -15.98
N LEU B 70 -14.59 -15.40 -15.02
CA LEU B 70 -13.89 -14.78 -13.90
C LEU B 70 -14.08 -15.60 -12.63
N ARG B 71 -12.99 -15.79 -11.88
CA ARG B 71 -13.05 -16.58 -10.66
C ARG B 71 -12.01 -16.01 -9.71
N HIS B 72 -12.44 -15.53 -8.54
CA HIS B 72 -11.56 -14.91 -7.57
C HIS B 72 -12.29 -14.76 -6.25
N GLU B 73 -11.54 -14.92 -5.16
CA GLU B 73 -12.12 -14.91 -3.84
C GLU B 73 -12.74 -13.57 -3.47
N LYS B 74 -12.38 -12.49 -4.17
CA LYS B 74 -12.93 -11.15 -3.91
C LYS B 74 -13.92 -10.71 -4.98
N LEU B 75 -14.37 -11.62 -5.83
CA LEU B 75 -15.47 -11.42 -6.76
C LEU B 75 -16.59 -12.40 -6.44
N VAL B 76 -17.83 -11.88 -6.35
CA VAL B 76 -18.99 -12.74 -6.14
C VAL B 76 -19.00 -13.88 -7.14
N GLN B 77 -19.14 -15.10 -6.63
CA GLN B 77 -18.99 -16.30 -7.47
C GLN B 77 -20.33 -16.70 -8.07
N LEU B 78 -20.35 -16.89 -9.38
CA LEU B 78 -21.47 -17.50 -10.07
C LEU B 78 -21.48 -18.99 -9.76
N TYR B 79 -22.66 -19.52 -9.45
CA TYR B 79 -22.88 -20.94 -9.27
C TYR B 79 -23.59 -21.59 -10.45
N ALA B 80 -24.57 -20.91 -11.03
CA ALA B 80 -25.38 -21.57 -12.05
C ALA B 80 -26.30 -20.53 -12.68
N VAL B 81 -27.00 -20.94 -13.75
CA VAL B 81 -27.87 -20.06 -14.51
C VAL B 81 -29.09 -20.86 -14.93
N VAL B 82 -30.17 -20.14 -15.23
CA VAL B 82 -31.34 -20.71 -15.89
C VAL B 82 -31.59 -19.84 -17.11
N SER B 83 -31.23 -20.36 -18.29
CA SER B 83 -31.23 -19.54 -19.50
C SER B 83 -32.63 -19.40 -20.09
N GLU B 84 -33.51 -20.37 -19.90
CA GLU B 84 -34.87 -20.23 -20.41
C GLU B 84 -35.64 -19.18 -19.61
N GLU B 85 -36.54 -18.49 -20.31
CA GLU B 85 -37.34 -17.44 -19.69
C GLU B 85 -38.27 -18.04 -18.64
N PRO B 86 -38.48 -17.36 -17.50
CA PRO B 86 -37.76 -16.20 -16.93
C PRO B 86 -36.37 -16.61 -16.45
N ILE B 87 -35.36 -15.84 -16.84
CA ILE B 87 -34.00 -16.19 -16.56
C ILE B 87 -33.69 -16.01 -15.07
N TYR B 88 -32.70 -16.75 -14.61
CA TYR B 88 -32.16 -16.61 -13.26
C TYR B 88 -30.65 -16.70 -13.26
N ILE B 89 -30.00 -15.92 -12.39
CA ILE B 89 -28.56 -16.01 -12.19
C ILE B 89 -28.33 -16.33 -10.73
N VAL B 90 -27.66 -17.45 -10.45
CA VAL B 90 -27.43 -17.95 -9.10
C VAL B 90 -25.97 -17.71 -8.73
N THR B 91 -25.74 -17.10 -7.56
CA THR B 91 -24.38 -16.80 -7.14
C THR B 91 -24.26 -17.11 -5.66
N GLU B 92 -23.05 -16.91 -5.11
CA GLU B 92 -22.87 -17.03 -3.66
C GLU B 92 -23.66 -15.94 -2.93
N TYR B 93 -24.03 -16.24 -1.68
CA TYR B 93 -24.84 -15.36 -0.84
C TYR B 93 -23.95 -14.58 0.11
N MET B 94 -24.17 -13.28 0.12
CA MET B 94 -23.39 -12.35 0.93
C MET B 94 -24.28 -11.81 2.04
N SER B 95 -24.04 -12.31 3.25
CA SER B 95 -24.95 -12.21 4.40
C SER B 95 -25.16 -10.79 4.88
N LYS B 96 -24.25 -9.89 4.56
CA LYS B 96 -24.33 -8.54 5.12
C LYS B 96 -24.77 -7.50 4.12
N GLY B 97 -25.12 -7.91 2.88
CA GLY B 97 -25.70 -6.95 1.89
C GLY B 97 -24.66 -5.99 1.29
N SER B 98 -25.16 -4.86 0.82
CA SER B 98 -24.29 -3.94 0.08
C SER B 98 -23.44 -3.11 1.02
N LEU B 99 -22.21 -2.83 0.59
CA LEU B 99 -21.29 -1.97 1.32
C LEU B 99 -21.89 -0.60 1.58
N LEU B 100 -22.56 -0.02 0.57
CA LEU B 100 -23.29 1.24 0.79
C LEU B 100 -24.24 1.18 1.99
N ASP B 101 -25.15 0.19 2.02
CA ASP B 101 -26.08 0.08 3.15
C ASP B 101 -25.33 -0.16 4.42
N PHE B 102 -24.28 -0.98 4.36
CA PHE B 102 -23.51 -1.26 5.57
C PHE B 102 -22.95 0.04 6.12
N LEU B 103 -22.29 0.83 5.23
CA LEU B 103 -21.60 2.02 5.64
C LEU B 103 -22.55 3.02 6.27
N LYS B 104 -23.72 3.21 5.72
CA LYS B 104 -24.56 4.25 6.30
C LYS B 104 -25.42 3.73 7.45
N GLY B 105 -25.50 2.40 7.63
CA GLY B 105 -26.39 1.80 8.60
C GLY B 105 -25.72 1.63 9.96
N GLU B 106 -26.46 0.96 10.85
CA GLU B 106 -26.08 0.91 12.26
C GLU B 106 -24.73 0.25 12.49
N MET B 107 -24.41 -0.79 11.72
CA MET B 107 -23.10 -1.41 11.86
C MET B 107 -21.98 -0.50 11.41
N GLY B 108 -22.28 0.47 10.58
CA GLY B 108 -21.23 1.31 10.04
C GLY B 108 -20.56 2.17 11.08
N LYS B 109 -21.33 2.66 12.05
CA LYS B 109 -20.87 3.81 12.81
C LYS B 109 -19.63 3.50 13.63
N TYR B 110 -19.31 2.24 13.84
CA TYR B 110 -18.08 1.89 14.54
C TYR B 110 -16.91 1.58 13.62
N LEU B 111 -17.12 1.56 12.31
CA LEU B 111 -16.02 1.39 11.36
C LEU B 111 -15.04 2.56 11.46
N ARG B 112 -13.78 2.22 11.64
CA ARG B 112 -12.71 3.19 11.67
C ARG B 112 -11.73 2.94 10.52
N LEU B 113 -10.70 3.78 10.45
CA LEU B 113 -9.84 3.76 9.27
C LEU B 113 -9.21 2.39 9.02
N PRO B 114 -8.71 1.65 10.03
CA PRO B 114 -8.08 0.36 9.72
C PRO B 114 -9.05 -0.61 9.07
N GLN B 115 -10.31 -0.67 9.52
CA GLN B 115 -11.31 -1.53 8.90
C GLN B 115 -11.62 -1.05 7.48
N LEU B 116 -11.73 0.26 7.31
CA LEU B 116 -12.17 0.78 6.04
C LEU B 116 -11.06 0.66 4.98
N VAL B 117 -9.81 0.84 5.37
CA VAL B 117 -8.71 0.57 4.42
C VAL B 117 -8.57 -0.92 4.11
N ASP B 118 -8.80 -1.80 5.06
CA ASP B 118 -8.79 -3.24 4.76
C ASP B 118 -9.90 -3.58 3.76
N MET B 119 -11.09 -3.00 3.93
CA MET B 119 -12.13 -3.19 2.92
C MET B 119 -11.66 -2.69 1.55
N ALA B 120 -11.05 -1.52 1.54
CA ALA B 120 -10.53 -1.00 0.29
C ALA B 120 -9.47 -1.92 -0.28
N ALA B 121 -8.66 -2.53 0.58
CA ALA B 121 -7.61 -3.44 0.08
C ALA B 121 -8.19 -4.68 -0.56
N GLN B 122 -9.25 -5.23 0.05
CA GLN B 122 -9.94 -6.37 -0.50
C GLN B 122 -10.56 -6.03 -1.85
N ILE B 123 -11.22 -4.89 -1.96
CA ILE B 123 -11.84 -4.51 -3.24
C ILE B 123 -10.76 -4.29 -4.28
N ALA B 124 -9.62 -3.78 -3.87
CA ALA B 124 -8.56 -3.54 -4.84
C ALA B 124 -7.94 -4.86 -5.32
N SER B 125 -7.94 -5.88 -4.45
CA SER B 125 -7.41 -7.18 -4.83
C SER B 125 -8.30 -7.81 -5.91
N GLY B 126 -9.62 -7.73 -5.72
CA GLY B 126 -10.49 -8.19 -6.79
C GLY B 126 -10.37 -7.40 -8.08
N MET B 127 -10.26 -6.08 -7.98
CA MET B 127 -10.08 -5.27 -9.20
C MET B 127 -8.70 -5.50 -9.83
N ALA B 128 -7.66 -5.74 -9.03
CA ALA B 128 -6.38 -6.21 -9.59
C ALA B 128 -6.59 -7.48 -10.39
N TYR B 129 -7.49 -8.34 -9.96
CA TYR B 129 -7.72 -9.54 -10.74
C TYR B 129 -8.41 -9.19 -12.06
N VAL B 130 -9.48 -8.40 -11.98
CA VAL B 130 -10.13 -7.85 -13.17
C VAL B 130 -9.10 -7.23 -14.10
N GLU B 131 -8.15 -6.51 -13.54
CA GLU B 131 -7.11 -5.87 -14.33
C GLU B 131 -6.24 -6.89 -15.03
N ARG B 132 -5.75 -7.89 -14.30
CA ARG B 132 -4.89 -8.93 -14.90
C ARG B 132 -5.58 -9.66 -16.06
N MET B 133 -6.89 -9.88 -15.93
CA MET B 133 -7.68 -10.60 -16.92
C MET B 133 -8.09 -9.70 -18.06
N ASN B 134 -7.64 -8.43 -18.07
CA ASN B 134 -7.99 -7.49 -19.13
C ASN B 134 -9.50 -7.34 -19.24
N TYR B 135 -10.14 -7.21 -18.09
CA TYR B 135 -11.55 -6.83 -18.07
C TYR B 135 -11.71 -5.40 -17.53
N VAL B 136 -12.89 -4.85 -17.76
CA VAL B 136 -13.33 -3.56 -17.28
C VAL B 136 -14.66 -3.80 -16.57
N HIS B 137 -14.84 -3.17 -15.42
CA HIS B 137 -16.07 -3.35 -14.67
C HIS B 137 -17.15 -2.36 -15.10
N ARG B 138 -16.80 -1.05 -15.14
CA ARG B 138 -17.58 0.09 -15.60
C ARG B 138 -18.59 0.63 -14.56
N ASP B 139 -18.82 -0.05 -13.42
CA ASP B 139 -19.86 0.30 -12.46
C ASP B 139 -19.36 0.06 -11.04
N LEU B 140 -18.07 0.30 -10.82
CA LEU B 140 -17.45 0.17 -9.52
C LEU B 140 -17.87 1.30 -8.58
N ARG B 141 -18.49 0.91 -7.46
CA ARG B 141 -18.95 1.82 -6.42
C ARG B 141 -19.50 1.04 -5.23
N ALA B 142 -19.67 1.75 -4.12
CA ALA B 142 -20.02 1.07 -2.86
C ALA B 142 -21.31 0.24 -2.98
N ALA B 143 -22.25 0.67 -3.82
CA ALA B 143 -23.50 -0.06 -3.93
C ALA B 143 -23.33 -1.40 -4.65
N ASN B 144 -22.22 -1.60 -5.36
CA ASN B 144 -21.94 -2.82 -6.09
C ASN B 144 -20.81 -3.59 -5.42
N ILE B 145 -20.49 -3.29 -4.17
CA ILE B 145 -19.64 -4.18 -3.36
C ILE B 145 -20.52 -4.82 -2.32
N LEU B 146 -20.35 -6.16 -2.13
CA LEU B 146 -21.17 -6.98 -1.22
C LEU B 146 -20.30 -7.36 -0.02
N VAL B 147 -20.91 -7.39 1.17
CA VAL B 147 -20.20 -7.63 2.42
C VAL B 147 -20.63 -8.97 2.98
N GLY B 148 -19.67 -9.76 3.42
CA GLY B 148 -19.97 -11.09 3.94
C GLY B 148 -19.53 -11.25 5.38
N GLU B 149 -19.40 -12.49 5.84
CA GLU B 149 -18.93 -12.67 7.21
C GLU B 149 -17.50 -12.14 7.31
N ASN B 150 -17.13 -11.71 8.52
CA ASN B 150 -15.77 -11.31 8.85
C ASN B 150 -15.35 -10.10 7.99
N LEU B 151 -16.34 -9.29 7.59
CA LEU B 151 -16.11 -8.05 6.87
C LEU B 151 -15.45 -8.33 5.52
N VAL B 152 -15.66 -9.53 4.98
CA VAL B 152 -15.28 -9.84 3.62
C VAL B 152 -16.07 -8.94 2.68
N CYS B 153 -15.37 -8.37 1.70
CA CYS B 153 -15.95 -7.54 0.65
C CYS B 153 -15.60 -8.15 -0.70
N LYS B 154 -16.58 -8.22 -1.57
CA LYS B 154 -16.41 -8.79 -2.90
C LYS B 154 -17.06 -7.88 -3.92
N VAL B 155 -16.40 -7.76 -5.07
CA VAL B 155 -16.91 -6.98 -6.16
C VAL B 155 -18.09 -7.71 -6.80
N ALA B 156 -19.14 -6.97 -7.13
CA ALA B 156 -20.34 -7.57 -7.64
C ALA B 156 -20.90 -6.79 -8.83
N ASP B 157 -21.96 -7.37 -9.42
CA ASP B 157 -22.80 -6.74 -10.44
C ASP B 157 -21.97 -6.39 -11.67
N PHE B 158 -21.62 -7.24 -12.63
CA PHE B 158 -20.71 -7.20 -13.73
C PHE B 158 -21.70 -7.21 -14.85
N GLY B 159 -22.95 -6.73 -14.69
CA GLY B 159 -23.83 -6.55 -15.84
C GLY B 159 -23.15 -5.81 -16.97
N LEU B 160 -22.60 -4.64 -16.66
CA LEU B 160 -21.94 -3.79 -17.65
C LEU B 160 -20.51 -4.22 -17.96
N ALA B 161 -19.94 -5.18 -17.23
CA ALA B 161 -18.53 -5.54 -17.42
C ALA B 161 -18.30 -6.27 -18.74
N ARG B 162 -17.08 -6.16 -19.25
CA ARG B 162 -16.75 -6.83 -20.51
C ARG B 162 -15.24 -6.81 -20.74
N LEU B 163 -14.81 -7.61 -21.73
CA LEU B 163 -13.43 -7.58 -22.20
C LEU B 163 -13.16 -6.25 -22.89
N ILE B 164 -12.01 -5.64 -22.59
CA ILE B 164 -11.56 -4.41 -23.22
C ILE B 164 -11.74 -4.47 -24.74
N PRO B 178 -24.42 8.00 -13.91
CA PRO B 178 -23.53 7.65 -12.80
C PRO B 178 -22.22 8.41 -12.99
N ILE B 179 -22.31 9.62 -13.55
CA ILE B 179 -21.13 10.43 -13.80
C ILE B 179 -20.38 10.86 -12.53
N LYS B 180 -21.01 10.74 -11.37
CA LYS B 180 -20.27 11.04 -10.13
C LYS B 180 -19.24 9.99 -9.85
N TRP B 181 -19.39 8.77 -10.37
CA TRP B 181 -18.39 7.71 -10.22
C TRP B 181 -17.61 7.42 -11.50
N THR B 182 -17.98 8.03 -12.62
CA THR B 182 -17.43 7.67 -13.93
C THR B 182 -16.39 8.69 -14.35
N ALA B 183 -15.23 8.19 -14.78
CA ALA B 183 -14.19 9.06 -15.26
C ALA B 183 -14.70 9.91 -16.42
N PRO B 184 -14.23 11.15 -16.53
CA PRO B 184 -14.75 12.03 -17.58
C PRO B 184 -14.63 11.42 -18.95
N GLU B 185 -13.50 10.80 -19.27
CA GLU B 185 -13.31 10.27 -20.61
C GLU B 185 -14.30 9.15 -20.92
N ALA B 186 -14.76 8.42 -19.91
CA ALA B 186 -15.72 7.35 -20.14
C ALA B 186 -17.11 7.95 -20.32
N ALA B 187 -17.49 8.81 -19.39
CA ALA B 187 -18.78 9.49 -19.53
C ALA B 187 -18.89 10.26 -20.85
N LEU B 188 -17.82 10.93 -21.27
CA LEU B 188 -18.00 11.80 -22.43
C LEU B 188 -17.84 11.02 -23.72
N TYR B 189 -16.76 10.27 -23.87
CA TYR B 189 -16.42 9.70 -25.17
C TYR B 189 -16.55 8.20 -25.23
N GLY B 190 -17.04 7.60 -24.18
CA GLY B 190 -17.19 6.18 -24.17
C GLY B 190 -15.89 5.42 -24.02
N ARG B 191 -14.82 6.06 -23.58
CA ARG B 191 -13.53 5.41 -23.39
C ARG B 191 -13.47 4.74 -22.00
N PHE B 192 -14.07 3.57 -21.92
CA PHE B 192 -14.07 2.74 -20.71
C PHE B 192 -12.84 1.84 -20.73
N THR B 193 -12.00 1.92 -19.69
CA THR B 193 -10.80 1.11 -19.58
C THR B 193 -10.61 0.75 -18.11
N ILE B 194 -9.60 -0.06 -17.80
CA ILE B 194 -9.33 -0.37 -16.38
C ILE B 194 -8.97 0.93 -15.66
N LYS B 195 -8.43 1.91 -16.40
CA LYS B 195 -8.08 3.17 -15.78
C LYS B 195 -9.32 3.97 -15.42
N SER B 196 -10.39 3.92 -16.24
CA SER B 196 -11.63 4.54 -15.75
C SER B 196 -12.16 3.79 -14.53
N ASP B 197 -11.99 2.46 -14.47
CA ASP B 197 -12.38 1.77 -13.25
C ASP B 197 -11.58 2.30 -12.05
N VAL B 198 -10.31 2.65 -12.27
CA VAL B 198 -9.47 3.19 -11.20
C VAL B 198 -10.01 4.54 -10.70
N TRP B 199 -10.48 5.38 -11.62
CA TRP B 199 -11.14 6.62 -11.18
C TRP B 199 -12.31 6.30 -10.25
N SER B 200 -13.14 5.33 -10.62
CA SER B 200 -14.27 4.99 -9.76
C SER B 200 -13.78 4.52 -8.37
N PHE B 201 -12.69 3.75 -8.34
CA PHE B 201 -12.17 3.29 -7.06
C PHE B 201 -11.87 4.48 -6.17
N GLY B 202 -11.24 5.51 -6.73
CA GLY B 202 -10.99 6.73 -5.97
C GLY B 202 -12.25 7.29 -5.38
N ILE B 203 -13.31 7.38 -6.22
CA ILE B 203 -14.60 7.83 -5.69
C ILE B 203 -15.05 6.92 -4.57
N LEU B 204 -14.88 5.59 -4.76
CA LEU B 204 -15.30 4.63 -3.73
C LEU B 204 -14.53 4.88 -2.43
N LEU B 205 -13.26 5.30 -2.52
CA LEU B 205 -12.52 5.58 -1.30
C LEU B 205 -13.23 6.69 -0.50
N THR B 206 -13.88 7.65 -1.22
CA THR B 206 -14.55 8.70 -0.49
C THR B 206 -15.81 8.15 0.14
N GLU B 207 -16.52 7.30 -0.57
CA GLU B 207 -17.67 6.66 0.06
C GLU B 207 -17.22 5.94 1.34
N LEU B 208 -16.05 5.27 1.31
CA LEU B 208 -15.56 4.55 2.47
C LEU B 208 -15.26 5.48 3.65
N THR B 209 -14.77 6.70 3.40
CA THR B 209 -14.31 7.57 4.46
C THR B 209 -15.35 8.59 4.92
N THR B 210 -16.52 8.63 4.28
CA THR B 210 -17.63 9.46 4.70
C THR B 210 -18.82 8.65 5.22
N LYS B 211 -18.66 7.33 5.38
CA LYS B 211 -19.76 6.47 5.80
C LYS B 211 -20.86 6.46 4.74
N GLY B 212 -20.42 6.42 3.49
CA GLY B 212 -21.31 6.22 2.36
C GLY B 212 -22.09 7.43 1.88
N ARG B 213 -21.62 8.64 2.18
CA ARG B 213 -22.26 9.82 1.65
C ARG B 213 -22.09 9.89 0.14
N VAL B 214 -23.12 10.40 -0.53
CA VAL B 214 -23.05 10.68 -1.97
C VAL B 214 -21.86 11.60 -2.25
N PRO B 215 -21.04 11.32 -3.25
CA PRO B 215 -19.93 12.23 -3.55
C PRO B 215 -20.40 13.59 -4.11
N TYR B 216 -19.50 14.56 -4.08
CA TYR B 216 -19.81 15.88 -4.62
C TYR B 216 -21.07 16.45 -3.98
N PRO B 217 -21.09 16.58 -2.65
CA PRO B 217 -22.37 16.88 -1.97
C PRO B 217 -22.89 18.21 -2.46
N GLY B 218 -24.18 18.25 -2.77
CA GLY B 218 -24.80 19.45 -3.26
C GLY B 218 -24.53 19.82 -4.70
N MET B 219 -23.94 18.93 -5.49
CA MET B 219 -23.70 19.17 -6.91
C MET B 219 -24.61 18.24 -7.71
N VAL B 220 -25.31 18.78 -8.70
CA VAL B 220 -25.98 17.93 -9.67
C VAL B 220 -24.96 17.42 -10.70
N ASN B 221 -25.36 16.40 -11.48
CA ASN B 221 -24.47 15.75 -12.44
C ASN B 221 -23.78 16.73 -13.38
N ARG B 222 -24.56 17.62 -14.01
CA ARG B 222 -23.99 18.53 -14.99
C ARG B 222 -22.93 19.43 -14.37
N GLU B 223 -23.15 19.93 -13.15
CA GLU B 223 -22.13 20.78 -12.57
C GLU B 223 -20.93 19.93 -12.17
N VAL B 224 -21.15 18.69 -11.71
CA VAL B 224 -20.03 17.80 -11.41
C VAL B 224 -19.13 17.69 -12.64
N LEU B 225 -19.74 17.38 -13.78
CA LEU B 225 -18.98 17.20 -15.01
C LEU B 225 -18.21 18.46 -15.32
N ASP B 226 -18.91 19.61 -15.36
CA ASP B 226 -18.28 20.90 -15.63
C ASP B 226 -17.11 21.17 -14.70
N GLN B 227 -17.29 20.87 -13.42
CA GLN B 227 -16.26 21.17 -12.44
C GLN B 227 -15.06 20.27 -12.62
N VAL B 228 -15.28 18.95 -12.79
CA VAL B 228 -14.14 18.05 -12.83
C VAL B 228 -13.36 18.29 -14.12
N GLU B 229 -14.05 18.74 -15.18
CA GLU B 229 -13.37 19.10 -16.42
C GLU B 229 -12.49 20.31 -16.20
N ARG B 230 -12.93 21.25 -15.38
CA ARG B 230 -12.16 22.40 -14.97
C ARG B 230 -11.11 22.07 -13.90
N GLY B 231 -10.96 20.81 -13.48
CA GLY B 231 -9.90 20.47 -12.56
C GLY B 231 -10.29 20.32 -11.10
N TYR B 232 -11.55 20.59 -10.78
CA TYR B 232 -12.05 20.35 -9.43
C TYR B 232 -11.97 18.87 -9.04
N ARG B 233 -11.63 18.64 -7.79
CA ARG B 233 -11.54 17.33 -7.17
C ARG B 233 -12.02 17.44 -5.72
N MET B 234 -12.75 16.43 -5.27
CA MET B 234 -13.21 16.45 -3.89
C MET B 234 -12.04 16.65 -2.92
N PRO B 235 -12.22 17.40 -1.85
CA PRO B 235 -11.13 17.61 -0.89
C PRO B 235 -11.02 16.43 0.08
N CYS B 236 -9.99 16.49 0.94
CA CYS B 236 -9.76 15.46 1.95
C CYS B 236 -10.92 15.40 2.93
N PRO B 237 -11.63 14.25 3.02
CA PRO B 237 -12.71 14.16 4.01
C PRO B 237 -12.24 14.38 5.43
N PRO B 238 -13.11 14.91 6.28
CA PRO B 238 -12.74 15.11 7.69
C PRO B 238 -12.17 13.83 8.31
N GLU B 239 -11.02 13.98 8.99
CA GLU B 239 -10.26 12.96 9.70
C GLU B 239 -9.56 11.94 8.81
N CYS B 240 -9.66 12.04 7.51
CA CYS B 240 -8.91 11.18 6.59
C CYS B 240 -7.47 11.67 6.46
N PRO B 241 -6.47 10.80 6.60
CA PRO B 241 -5.10 11.24 6.36
C PRO B 241 -4.91 11.80 4.97
N GLU B 242 -4.06 12.81 4.86
CA GLU B 242 -3.79 13.40 3.56
C GLU B 242 -3.18 12.36 2.61
N SER B 243 -2.36 11.44 3.15
CA SER B 243 -1.78 10.40 2.30
C SER B 243 -2.84 9.63 1.56
N LEU B 244 -3.98 9.37 2.22
CA LEU B 244 -5.06 8.61 1.58
C LEU B 244 -5.82 9.52 0.60
N HIS B 245 -5.97 10.82 0.92
CA HIS B 245 -6.55 11.71 -0.06
C HIS B 245 -5.62 11.90 -1.27
N ASP B 246 -4.30 11.82 -1.08
CA ASP B 246 -3.38 11.88 -2.22
C ASP B 246 -3.65 10.74 -3.19
N LEU B 247 -3.90 9.53 -2.63
CA LEU B 247 -4.23 8.36 -3.42
C LEU B 247 -5.50 8.59 -4.24
N MET B 248 -6.57 9.04 -3.60
CA MET B 248 -7.75 9.42 -4.37
C MET B 248 -7.40 10.35 -5.54
N CYS B 249 -6.60 11.41 -5.26
CA CYS B 249 -6.28 12.37 -6.32
C CYS B 249 -5.44 11.74 -7.43
N GLN B 250 -4.53 10.81 -7.10
CA GLN B 250 -3.86 10.03 -8.14
C GLN B 250 -4.86 9.27 -8.99
N CYS B 251 -5.89 8.70 -8.34
CA CYS B 251 -6.84 7.95 -9.10
C CYS B 251 -7.65 8.82 -10.04
N TRP B 252 -7.72 10.14 -9.75
CA TRP B 252 -8.52 11.09 -10.47
C TRP B 252 -7.68 11.95 -11.43
N ARG B 253 -6.47 11.53 -11.75
CA ARG B 253 -5.65 12.27 -12.71
C ARG B 253 -6.29 12.29 -14.08
N LYS B 254 -6.40 13.48 -14.67
CA LYS B 254 -7.05 13.64 -15.97
C LYS B 254 -6.53 12.66 -17.00
N ASP B 255 -5.25 12.45 -17.02
CA ASP B 255 -4.71 11.53 -18.01
C ASP B 255 -4.88 10.10 -17.54
N PRO B 256 -5.79 9.32 -18.14
CA PRO B 256 -6.06 7.98 -17.57
C PRO B 256 -4.81 7.14 -17.41
N GLU B 257 -3.78 7.37 -18.25
CA GLU B 257 -2.56 6.58 -18.19
C GLU B 257 -1.66 6.96 -17.01
N GLU B 258 -1.87 8.13 -16.39
CA GLU B 258 -1.23 8.56 -15.15
C GLU B 258 -1.91 7.99 -13.89
N ARG B 259 -3.11 7.44 -14.02
CA ARG B 259 -3.77 6.78 -12.89
C ARG B 259 -3.02 5.50 -12.53
N PRO B 260 -2.89 5.20 -11.24
CA PRO B 260 -2.16 3.97 -10.83
C PRO B 260 -2.93 2.71 -11.20
N THR B 261 -2.24 1.59 -11.13
CA THR B 261 -2.91 0.33 -11.35
C THR B 261 -3.54 -0.19 -10.04
N PHE B 262 -4.48 -1.13 -10.17
CA PHE B 262 -5.02 -1.83 -9.02
C PHE B 262 -3.95 -2.64 -8.30
N GLU B 263 -2.98 -3.20 -9.04
CA GLU B 263 -1.85 -3.87 -8.37
C GLU B 263 -1.16 -2.96 -7.35
N TYR B 264 -0.83 -1.73 -7.77
CA TYR B 264 -0.26 -0.72 -6.88
C TYR B 264 -1.27 -0.34 -5.77
N LEU B 265 -2.51 -0.08 -6.16
CA LEU B 265 -3.48 0.30 -5.13
C LEU B 265 -3.59 -0.78 -4.03
N GLN B 266 -3.65 -2.05 -4.43
CA GLN B 266 -3.78 -3.14 -3.47
C GLN B 266 -2.57 -3.17 -2.52
N ALA B 267 -1.36 -3.17 -3.09
CA ALA B 267 -0.16 -3.20 -2.27
C ALA B 267 -0.12 -2.01 -1.33
N PHE B 268 -0.43 -0.82 -1.84
CA PHE B 268 -0.39 0.38 -1.00
C PHE B 268 -1.38 0.26 0.18
N LEU B 269 -2.57 -0.22 -0.08
CA LEU B 269 -3.58 -0.25 0.96
C LEU B 269 -3.33 -1.38 1.94
N GLU B 270 -2.87 -2.50 1.46
CA GLU B 270 -2.51 -3.58 2.35
C GLU B 270 -1.43 -3.12 3.34
N ASP B 271 -0.41 -2.41 2.85
CA ASP B 271 0.73 -2.04 3.70
C ASP B 271 0.53 -0.71 4.43
N TYR B 272 -0.63 -0.07 4.28
CA TYR B 272 -0.82 1.35 4.63
C TYR B 272 -0.39 1.71 6.04
N PHE B 273 -0.77 0.90 7.01
CA PHE B 273 -0.53 1.30 8.41
C PHE B 273 0.87 1.03 8.89
N THR B 274 1.75 0.48 8.05
CA THR B 274 3.16 0.40 8.40
C THR B 274 4.01 1.33 7.54
N SER B 275 3.83 1.28 6.21
CA SER B 275 4.68 1.97 5.27
C SER B 275 4.30 3.43 5.06
N THR B 276 3.06 3.79 5.28
CA THR B 276 2.54 5.08 4.87
C THR B 276 2.06 5.93 6.04
N GLU B 277 1.28 5.36 6.95
CA GLU B 277 0.70 6.12 8.05
C GLU B 277 1.02 5.40 9.34
N PRO B 278 2.32 5.18 9.62
CA PRO B 278 2.69 4.43 10.85
C PRO B 278 2.37 5.17 12.15
N GLN B 279 2.11 6.48 12.12
CA GLN B 279 1.75 7.24 13.29
C GLN B 279 0.22 7.44 13.37
N TYR B 280 -0.55 6.59 12.70
CA TYR B 280 -2.00 6.74 12.72
C TYR B 280 -2.49 6.71 14.15
N GLN B 281 -3.44 7.59 14.48
CA GLN B 281 -4.09 7.59 15.81
C GLN B 281 -5.60 7.66 15.61
N PRO B 282 -6.36 6.79 16.29
CA PRO B 282 -7.83 6.82 16.14
C PRO B 282 -8.42 8.17 16.52
N GLY B 283 -9.50 8.53 15.83
CA GLY B 283 -10.26 9.72 16.13
C GLY B 283 -11.71 9.39 16.39
N GLU B 284 -12.57 10.42 16.30
CA GLU B 284 -14.00 10.23 16.63
C GLU B 284 -14.74 9.45 15.55
N ASN B 285 -14.40 9.69 14.26
CA ASN B 285 -15.10 9.04 13.17
C ASN B 285 -14.21 8.15 12.29
N LEU B 286 -12.92 8.46 12.16
CA LEU B 286 -12.01 7.61 11.40
C LEU B 286 -10.75 7.22 12.20
C02 I14 C . 17.43 14.31 4.22
C03 I14 C . 16.10 13.95 4.40
C04 I14 C . 15.31 13.89 3.32
C06 I14 C . 13.00 13.35 2.77
C07 I14 C . 13.16 14.17 1.47
C09 I14 C . 12.23 14.12 -0.72
C10 I14 C . 14.11 13.28 5.05
C11 I14 C . 15.36 13.56 5.50
C12 I14 C . 16.06 13.54 6.83
C13 I14 C . 16.71 13.63 7.81
C14 I14 C . 17.52 14.01 9.05
C15 I14 C . 18.11 13.07 9.88
C16 I14 C . 18.81 13.52 10.99
C18 I14 C . 20.18 11.53 11.78
C19 I14 C . 20.89 10.81 12.91
C21 I14 C . 18.97 14.83 11.29
C22 I14 C . 18.41 15.75 10.50
C23 I14 C . 17.72 15.36 9.41
C24 I14 C . 17.19 16.58 8.67
C26 I14 C . 17.04 14.57 2.02
N01 I14 C . 18.30 14.36 5.32
N05 I14 C . 14.11 13.48 3.72
N17 I14 C . 19.49 12.74 11.98
N25 I14 C . 15.81 14.22 2.14
N27 I14 C . 17.83 14.62 3.05
O08 I14 C . 12.04 14.04 0.66
O20 I14 C . 20.14 11.03 10.75
H062 I14 C . 12.85 12.41 2.59
H061 I14 C . 12.20 13.69 3.22
H071 I14 C . 13.28 15.09 1.69
H072 I14 C . 13.90 13.87 0.92
H093 I14 C . 11.51 14.63 -1.11
H091 I14 C . 12.23 13.22 -1.09
H092 I14 C . 13.08 14.55 -0.91
H101 I14 C . 13.38 13.03 5.57
H151 I14 C . 18.01 12.17 9.70
H192 I14 C . 21.13 9.91 12.64
H193 I14 C . 20.33 10.78 13.70
H191 I14 C . 21.71 11.30 13.14
H211 I14 C . 19.46 15.08 12.04
H221 I14 C . 18.51 16.66 10.69
H243 I14 C . 16.40 16.33 8.16
H241 I14 C . 17.88 16.91 8.06
H242 I14 C . 16.96 17.27 9.31
H261 I14 C . 17.38 14.77 1.18
H011 I14 C . 18.06 14.74 6.04
H012 I14 C . 19.09 14.02 5.25
H171 I14 C . 19.55 13.10 12.73
C02 I14 D . -26.24 -11.15 -2.69
C03 I14 D . -27.08 -10.06 -2.63
C04 I14 D . -27.47 -9.63 -1.43
C06 I14 D . -28.85 -7.87 -0.48
C07 I14 D . -28.93 -8.59 0.91
C09 I14 D . -29.44 -7.84 3.18
C10 I14 D . -28.32 -8.26 -2.92
C11 I14 D . -27.59 -9.20 -3.59
C12 I14 D . -27.07 -9.43 -4.94
C13 I14 D . -26.70 -9.78 -5.94
C14 I14 D . -26.27 -10.35 -7.23
C15 I14 D . -25.13 -9.86 -7.83
C16 I14 D . -24.80 -10.42 -9.01
C18 I14 D . -22.31 -10.35 -9.72
C19 I14 D . -21.40 -9.81 -10.82
C21 I14 D . -25.62 -11.37 -9.60
C22 I14 D . -26.74 -11.83 -9.00
C23 I14 D . -27.07 -11.31 -7.78
C24 I14 D . -28.34 -11.79 -7.05
C26 I14 D . -26.33 -11.33 -0.46
N01 I14 D . -25.77 -11.61 -3.94
N05 I14 D . -28.23 -8.55 -1.61
N17 I14 D . -23.67 -10.04 -9.80
N25 I14 D . -27.08 -10.30 -0.36
N27 I14 D . -25.92 -11.75 -1.62
O08 I14 D . -29.45 -7.62 1.80
O20 I14 D . -21.87 -10.93 -8.81
H062 I14 D . -28.37 -7.03 -0.34
H061 I14 D . -29.76 -7.64 -0.74
H071 I14 D . -29.53 -9.34 0.84
H072 I14 D . -28.05 -8.87 1.19
H093 I14 D . -30.33 -7.76 3.54
H091 I14 D . -28.86 -7.19 3.60
H092 I14 D . -29.10 -8.73 3.36
H101 I14 D . -28.73 -7.51 -3.29
H151 I14 D . -24.61 -9.21 -7.43
H192 I14 D . -21.65 -10.23 -11.67
H193 I14 D . -21.52 -8.85 -10.90
H191 I14 D . -20.47 -10.02 -10.62
H211 I14 D . -25.36 -11.74 -10.42
H221 I14 D . -27.27 -12.50 -9.39
H243 I14 D . -28.65 -11.15 -6.39
H241 I14 D . -28.15 -12.63 -6.60
H242 I14 D . -29.04 -11.93 -7.70
H261 I14 D . -26.53 -11.58 0.37
H011 I14 D . -26.32 -11.85 -4.55
H012 I14 D . -24.92 -11.67 -4.08
H171 I14 D . -23.88 -9.61 -10.52
#